data_2CDP
#
_entry.id   2CDP
#
_cell.length_a   53.720
_cell.length_b   54.996
_cell.length_c   195.908
_cell.angle_alpha   90.00
_cell.angle_beta   90.00
_cell.angle_gamma   90.00
#
_symmetry.space_group_name_H-M   'P 21 21 21'
#
loop_
_entity.id
_entity.type
_entity.pdbx_description
1 polymer 'BETA-AGARASE 1'
2 branched 3,6-anhydro-alpha-L-galactopyranose-(1-3)-beta-D-galactopyranose-(1-4)-3,6-anhydro-alpha-L-galactopyranose-(1-3)-beta-D-galactopyranose-(1-4)-3,6-anhydro-alpha-L-galactopyranose-(1-3)-beta-D-galactopyranose
3 non-polymer 'CALCIUM ION'
4 non-polymer 1,2-ETHANEDIOL
5 non-polymer 'CHLORIDE ION'
6 water water
#
_entity_poly.entity_id   1
_entity_poly.type   'polypeptide(L)'
_entity_poly.pdbx_seq_one_letter_code
;MGSSHHHHHHSSGLVPRGSHMASTASIAVEAENFNAVGGTFSDGQAQPVSVYTVNGNTAINYVNQGDYADYTIAVAQAGN
YTISYQAGSGVTGGSIEFLVNENGSWASKTVTAVPNQGWDNFQPLNGGSVYLSAGTHQVRLHGAGSNNWQWNLDKFTLSN
;
_entity_poly.pdbx_strand_id   A,B,C,D
#
loop_
_chem_comp.id
_chem_comp.type
_chem_comp.name
_chem_comp.formula
AAL L-saccharide, alpha linking 3,6-anhydro-alpha-L-galactopyranose 'C6 H10 O5'
CA non-polymer 'CALCIUM ION' 'Ca 2'
CL non-polymer 'CHLORIDE ION' 'Cl -1'
EDO non-polymer 1,2-ETHANEDIOL 'C2 H6 O2'
GAL D-saccharide, beta linking beta-D-galactopyranose 'C6 H12 O6'
#
# COMPACT_ATOMS: atom_id res chain seq x y z
N SER A 23 0.04 11.28 12.86
CA SER A 23 0.87 10.79 11.70
C SER A 23 2.00 9.83 12.16
N THR A 24 2.11 9.66 13.48
CA THR A 24 3.00 8.70 14.17
C THR A 24 2.73 7.27 13.67
N ALA A 25 3.81 6.50 13.49
CA ALA A 25 3.73 5.19 12.86
C ALA A 25 5.02 4.45 13.13
N SER A 26 4.94 3.13 13.21
CA SER A 26 6.14 2.32 13.46
C SER A 26 5.94 0.97 12.85
N ILE A 27 6.89 0.59 12.00
CA ILE A 27 6.78 -0.65 11.25
C ILE A 27 8.09 -1.38 11.47
N ALA A 28 8.02 -2.50 12.18
CA ALA A 28 9.20 -3.27 12.50
C ALA A 28 9.27 -4.42 11.50
N VAL A 29 10.45 -4.65 10.92
CA VAL A 29 10.56 -5.74 9.97
C VAL A 29 11.69 -6.67 10.42
N GLU A 30 11.32 -7.93 10.61
CA GLU A 30 12.34 -8.88 10.98
C GLU A 30 13.17 -9.26 9.76
N ALA A 31 14.49 -9.07 9.88
CA ALA A 31 15.38 -9.31 8.73
C ALA A 31 15.24 -10.73 8.15
N GLU A 32 15.01 -11.72 9.03
CA GLU A 32 14.84 -13.12 8.60
C GLU A 32 13.55 -13.34 7.77
N ASN A 33 12.69 -12.31 7.73
CA ASN A 33 11.39 -12.47 7.10
C ASN A 33 11.43 -11.92 5.65
N PHE A 34 12.61 -11.96 5.00
CA PHE A 34 12.72 -11.52 3.58
C PHE A 34 11.83 -12.38 2.67
N ASN A 35 11.45 -11.80 1.53
CA ASN A 35 10.71 -12.60 0.58
CA ASN A 35 10.74 -12.49 0.44
C ASN A 35 11.68 -13.30 -0.39
N ALA A 36 12.90 -12.78 -0.53
CA ALA A 36 13.88 -13.37 -1.38
C ALA A 36 15.22 -12.80 -1.00
N VAL A 37 16.26 -13.57 -1.28
CA VAL A 37 17.66 -13.16 -1.09
C VAL A 37 18.43 -13.48 -2.36
N GLY A 38 19.53 -12.78 -2.59
CA GLY A 38 20.28 -12.91 -3.84
C GLY A 38 21.73 -12.48 -3.62
N GLY A 39 22.61 -12.87 -4.53
CA GLY A 39 24.03 -12.52 -4.41
C GLY A 39 24.91 -13.56 -5.09
N THR A 40 26.05 -13.09 -5.59
CA THR A 40 26.99 -13.90 -6.40
C THR A 40 28.09 -14.50 -5.53
N PHE A 41 28.48 -13.81 -4.44
CA PHE A 41 29.66 -14.23 -3.68
C PHE A 41 29.55 -15.68 -3.21
N SER A 42 30.59 -16.47 -3.49
CA SER A 42 30.55 -17.91 -3.22
C SER A 42 30.86 -18.14 -1.75
N ASP A 43 29.81 -18.36 -0.96
CA ASP A 43 29.95 -18.53 0.48
C ASP A 43 29.65 -19.98 0.96
N GLY A 44 29.38 -20.90 0.02
CA GLY A 44 29.16 -22.32 0.35
C GLY A 44 27.85 -22.67 1.05
N GLN A 45 26.92 -21.71 1.12
CA GLN A 45 25.67 -21.96 1.81
C GLN A 45 24.57 -22.39 0.82
N ALA A 46 23.44 -22.86 1.36
CA ALA A 46 22.28 -23.23 0.54
C ALA A 46 21.70 -21.99 -0.15
N GLN A 47 21.61 -20.90 0.61
CA GLN A 47 21.09 -19.65 0.08
C GLN A 47 22.20 -18.60 0.16
N PRO A 48 22.17 -17.55 -0.71
CA PRO A 48 23.20 -16.48 -0.68
C PRO A 48 23.23 -15.64 0.61
N VAL A 49 22.17 -15.68 1.40
CA VAL A 49 22.14 -15.01 2.68
C VAL A 49 21.45 -16.02 3.56
N SER A 50 21.94 -16.16 4.81
CA SER A 50 21.46 -17.19 5.72
C SER A 50 20.81 -16.61 6.97
N VAL A 51 20.14 -17.47 7.73
CA VAL A 51 19.46 -17.10 8.95
C VAL A 51 20.16 -17.82 10.10
N TYR A 52 20.35 -17.13 11.22
CA TYR A 52 20.88 -17.75 12.43
C TYR A 52 20.23 -17.11 13.65
N THR A 53 20.51 -17.66 14.84
CA THR A 53 20.01 -17.08 16.07
C THR A 53 21.19 -17.00 17.04
N VAL A 54 21.21 -15.92 17.79
CA VAL A 54 22.22 -15.68 18.81
C VAL A 54 21.52 -14.90 19.93
N ASN A 55 21.65 -15.38 21.18
CA ASN A 55 21.04 -14.67 22.33
C ASN A 55 19.53 -14.42 22.17
N GLY A 56 18.80 -15.36 21.58
CA GLY A 56 17.34 -15.16 21.30
C GLY A 56 17.01 -14.30 20.08
N ASN A 57 18.03 -13.69 19.48
CA ASN A 57 17.88 -12.80 18.31
C ASN A 57 18.02 -13.57 16.99
N THR A 58 16.99 -13.58 16.16
CA THR A 58 17.13 -14.31 14.89
C THR A 58 17.57 -13.26 13.87
N ALA A 59 18.56 -13.59 13.06
CA ALA A 59 19.17 -12.58 12.20
C ALA A 59 19.60 -13.20 10.90
N ILE A 60 19.93 -12.35 9.93
CA ILE A 60 20.59 -12.78 8.70
C ILE A 60 22.13 -12.55 8.79
N ASN A 61 22.85 -13.54 8.26
CA ASN A 61 24.33 -13.45 8.22
C ASN A 61 24.80 -14.06 6.93
N TYR A 62 26.11 -14.28 6.80
CA TYR A 62 26.68 -14.57 5.51
C TYR A 62 26.26 -13.53 4.45
N VAL A 63 26.15 -12.27 4.85
CA VAL A 63 25.92 -11.20 3.92
C VAL A 63 27.24 -10.70 3.33
N ASN A 64 27.44 -10.96 2.04
CA ASN A 64 28.67 -10.56 1.33
C ASN A 64 28.44 -9.31 0.47
N GLN A 65 29.52 -8.78 -0.10
CA GLN A 65 29.41 -7.64 -1.01
C GLN A 65 28.51 -8.06 -2.17
N GLY A 66 27.52 -7.23 -2.45
CA GLY A 66 26.64 -7.46 -3.58
C GLY A 66 25.44 -8.32 -3.27
N ASP A 67 25.40 -8.97 -2.08
CA ASP A 67 24.22 -9.71 -1.63
C ASP A 67 23.09 -8.74 -1.29
N TYR A 68 21.86 -9.23 -1.32
CA TYR A 68 20.71 -8.39 -0.94
C TYR A 68 19.58 -9.25 -0.42
N ALA A 69 18.66 -8.58 0.25
CA ALA A 69 17.49 -9.24 0.80
C ALA A 69 16.33 -8.30 0.47
N ASP A 70 15.27 -8.87 -0.12
CA ASP A 70 14.03 -8.13 -0.50
C ASP A 70 12.87 -8.34 0.47
N TYR A 71 12.09 -7.27 0.72
CA TYR A 71 11.00 -7.27 1.70
C TYR A 71 9.83 -6.55 1.03
N THR A 72 8.61 -7.01 1.29
CA THR A 72 7.42 -6.31 0.81
C THR A 72 6.81 -5.66 2.06
N ILE A 73 6.57 -4.36 2.01
CA ILE A 73 6.13 -3.62 3.19
C ILE A 73 4.86 -2.82 2.90
N ALA A 74 3.81 -3.08 3.66
CA ALA A 74 2.62 -2.24 3.60
C ALA A 74 2.79 -1.04 4.50
N VAL A 75 2.43 0.11 3.97
CA VAL A 75 2.53 1.37 4.68
C VAL A 75 1.15 2.06 4.59
N ALA A 76 0.48 2.08 5.74
CA ALA A 76 -0.85 2.64 5.82
C ALA A 76 -0.79 4.15 5.81
N GLN A 77 0.23 4.69 6.48
CA GLN A 77 0.40 6.13 6.75
C GLN A 77 1.58 6.71 5.93
N ALA A 78 1.30 7.64 5.02
CA ALA A 78 2.38 8.21 4.23
C ALA A 78 3.28 9.06 5.12
N GLY A 79 4.57 9.10 4.85
CA GLY A 79 5.44 9.98 5.61
C GLY A 79 6.93 9.81 5.30
N ASN A 80 7.76 10.69 5.85
CA ASN A 80 9.19 10.58 5.69
C ASN A 80 9.68 9.75 6.87
N TYR A 81 9.75 8.44 6.68
CA TYR A 81 10.13 7.54 7.79
C TYR A 81 11.63 7.55 8.11
N THR A 82 11.97 7.45 9.39
CA THR A 82 13.35 7.28 9.78
C THR A 82 13.60 5.77 9.86
N ILE A 83 14.75 5.37 9.34
CA ILE A 83 15.17 3.98 9.27
C ILE A 83 16.13 3.74 10.43
N SER A 84 15.86 2.69 11.21
CA SER A 84 16.83 2.22 12.21
CA SER A 84 16.84 2.23 12.19
C SER A 84 17.09 0.74 11.99
N TYR A 85 18.37 0.37 12.02
CA TYR A 85 18.72 -1.05 11.90
C TYR A 85 19.24 -1.55 13.25
N GLN A 86 18.93 -2.81 13.56
CA GLN A 86 19.61 -3.58 14.62
C GLN A 86 20.68 -4.42 13.90
N ALA A 87 21.88 -3.85 13.76
CA ALA A 87 22.90 -4.43 12.86
C ALA A 87 24.23 -4.57 13.63
N GLY A 88 25.04 -5.49 13.15
CA GLY A 88 26.44 -5.62 13.62
C GLY A 88 27.34 -5.95 12.45
N SER A 89 28.64 -5.71 12.60
CA SER A 89 29.57 -6.27 11.66
C SER A 89 30.87 -6.59 12.38
N GLY A 90 31.66 -7.49 11.80
CA GLY A 90 33.01 -7.84 12.32
C GLY A 90 34.14 -7.36 11.41
N VAL A 91 33.80 -6.58 10.38
CA VAL A 91 34.78 -6.00 9.50
C VAL A 91 34.51 -4.49 9.31
N THR A 92 35.51 -3.81 8.76
CA THR A 92 35.38 -2.45 8.31
C THR A 92 35.10 -2.46 6.77
N GLY A 93 34.13 -1.68 6.35
CA GLY A 93 33.77 -1.61 4.93
C GLY A 93 32.46 -2.33 4.59
N GLY A 94 31.64 -2.61 5.61
CA GLY A 94 30.29 -3.12 5.34
C GLY A 94 29.36 -1.91 5.36
N SER A 95 28.42 -1.87 4.41
CA SER A 95 27.41 -0.78 4.41
CA SER A 95 27.40 -0.80 4.45
C SER A 95 26.08 -1.37 3.99
N ILE A 96 25.03 -0.90 4.64
CA ILE A 96 23.66 -1.27 4.20
C ILE A 96 23.08 -0.18 3.30
N GLU A 97 22.79 -0.56 2.07
CA GLU A 97 22.07 0.31 1.17
C GLU A 97 20.59 -0.08 1.15
N PHE A 98 19.72 0.90 1.39
CA PHE A 98 18.25 0.70 1.40
C PHE A 98 17.71 1.24 0.02
N LEU A 99 17.06 0.37 -0.75
CA LEU A 99 16.51 0.73 -2.05
C LEU A 99 15.02 0.43 -2.06
N VAL A 100 14.29 1.14 -2.94
CA VAL A 100 12.89 0.86 -3.16
C VAL A 100 12.71 0.66 -4.68
N ASN A 101 11.94 -0.37 -5.03
CA ASN A 101 11.71 -0.68 -6.45
C ASN A 101 10.56 0.19 -6.94
N GLU A 102 10.92 1.27 -7.64
CA GLU A 102 9.96 2.26 -8.16
C GLU A 102 9.64 2.00 -9.61
N ASN A 103 8.46 1.40 -9.84
CA ASN A 103 7.99 0.99 -11.17
C ASN A 103 9.03 0.21 -11.98
N GLY A 104 9.60 -0.80 -11.34
CA GLY A 104 10.51 -1.76 -11.99
C GLY A 104 11.93 -1.25 -12.13
N SER A 105 12.27 -0.19 -11.40
CA SER A 105 13.66 0.25 -11.32
C SER A 105 14.04 0.54 -9.85
N TRP A 106 15.10 -0.13 -9.37
CA TRP A 106 15.57 0.11 -8.02
C TRP A 106 16.10 1.53 -7.85
N ALA A 107 15.64 2.19 -6.77
CA ALA A 107 16.01 3.55 -6.46
C ALA A 107 16.71 3.54 -5.10
N SER A 108 17.95 3.97 -5.06
CA SER A 108 18.76 3.98 -3.88
C SER A 108 18.31 5.13 -2.99
N LYS A 109 18.08 4.79 -1.73
CA LYS A 109 17.59 5.81 -0.80
C LYS A 109 18.66 6.27 0.15
N THR A 110 19.20 5.34 0.94
CA THR A 110 20.29 5.69 1.87
C THR A 110 21.35 4.57 1.86
N VAL A 111 22.55 4.95 2.27
CA VAL A 111 23.63 4.00 2.40
C VAL A 111 24.27 4.30 3.75
N THR A 112 24.43 3.25 4.57
CA THR A 112 24.85 3.42 5.96
C THR A 112 25.96 2.46 6.31
N ALA A 113 27.15 2.98 6.62
CA ALA A 113 28.22 2.11 7.12
C ALA A 113 27.79 1.49 8.43
N VAL A 114 28.17 0.23 8.59
CA VAL A 114 27.86 -0.48 9.81
C VAL A 114 29.11 -0.53 10.70
N PRO A 115 29.03 0.08 11.89
CA PRO A 115 30.20 0.01 12.81
C PRO A 115 30.72 -1.43 13.04
N ASN A 116 32.05 -1.56 13.09
CA ASN A 116 32.67 -2.85 13.30
C ASN A 116 32.80 -3.05 14.83
N GLN A 117 31.78 -3.64 15.45
CA GLN A 117 31.78 -3.91 16.90
C GLN A 117 31.49 -5.37 17.26
N GLY A 118 31.61 -6.26 16.28
CA GLY A 118 31.40 -7.71 16.46
C GLY A 118 30.17 -8.18 15.71
N TRP A 119 30.33 -9.29 14.99
CA TRP A 119 29.28 -9.90 14.15
C TRP A 119 27.95 -10.11 14.87
N ASP A 120 27.99 -10.48 16.15
CA ASP A 120 26.75 -10.82 16.90
C ASP A 120 26.33 -9.67 17.83
N ASN A 121 27.13 -8.61 17.81
CA ASN A 121 26.87 -7.49 18.70
C ASN A 121 25.96 -6.49 17.98
N PHE A 122 24.65 -6.72 18.02
CA PHE A 122 23.71 -5.79 17.35
C PHE A 122 23.57 -4.49 18.12
N GLN A 123 23.58 -3.40 17.36
CA GLN A 123 23.52 -2.08 17.94
C GLN A 123 22.55 -1.30 17.07
N PRO A 124 21.75 -0.40 17.70
CA PRO A 124 20.88 0.47 16.94
C PRO A 124 21.75 1.29 15.98
N LEU A 125 21.27 1.42 14.74
CA LEU A 125 22.06 2.13 13.71
C LEU A 125 21.09 3.02 12.93
N ASN A 126 21.34 4.33 12.95
CA ASN A 126 20.51 5.25 12.20
C ASN A 126 20.77 5.13 10.67
N GLY A 127 19.73 4.82 9.92
CA GLY A 127 19.84 4.59 8.47
C GLY A 127 19.29 5.74 7.64
N GLY A 128 19.07 6.90 8.26
CA GLY A 128 18.53 8.05 7.54
C GLY A 128 17.02 7.95 7.40
N SER A 129 16.50 8.65 6.42
CA SER A 129 15.05 8.72 6.18
CA SER A 129 15.07 8.64 6.20
C SER A 129 14.66 8.35 4.76
N VAL A 130 13.43 7.92 4.62
CA VAL A 130 12.89 7.57 3.29
C VAL A 130 11.44 7.95 3.23
N TYR A 131 11.05 8.63 2.16
CA TYR A 131 9.67 9.00 2.02
C TYR A 131 8.92 7.78 1.48
N LEU A 132 7.92 7.34 2.23
CA LEU A 132 7.08 6.25 1.77
C LEU A 132 5.62 6.69 1.67
N SER A 133 5.06 6.55 0.48
CA SER A 133 3.65 6.89 0.26
C SER A 133 2.74 5.81 0.89
N ALA A 134 1.45 6.09 1.01
CA ALA A 134 0.56 5.08 1.52
C ALA A 134 0.42 4.05 0.41
N GLY A 135 0.63 2.80 0.76
CA GLY A 135 0.61 1.75 -0.26
C GLY A 135 1.53 0.59 0.09
N THR A 136 1.98 -0.12 -0.94
CA THR A 136 2.84 -1.33 -0.75
C THR A 136 4.18 -1.11 -1.47
N HIS A 137 5.26 -1.38 -0.76
CA HIS A 137 6.59 -1.05 -1.29
C HIS A 137 7.50 -2.28 -1.27
N GLN A 138 8.25 -2.46 -2.33
CA GLN A 138 9.31 -3.48 -2.38
C GLN A 138 10.61 -2.78 -1.94
N VAL A 139 11.13 -3.23 -0.83
CA VAL A 139 12.36 -2.65 -0.24
C VAL A 139 13.50 -3.70 -0.37
N ARG A 140 14.71 -3.21 -0.66
CA ARG A 140 15.87 -4.11 -0.78
C ARG A 140 16.92 -3.57 0.17
N LEU A 141 17.55 -4.48 0.92
CA LEU A 141 18.73 -4.12 1.70
C LEU A 141 19.92 -4.81 1.00
N HIS A 142 20.95 -4.03 0.65
CA HIS A 142 22.02 -4.50 -0.26
C HIS A 142 23.39 -4.32 0.42
N GLY A 143 24.23 -5.37 0.34
CA GLY A 143 25.58 -5.30 0.91
C GLY A 143 26.45 -4.38 0.04
N ALA A 144 26.42 -3.06 0.31
CA ALA A 144 26.97 -2.09 -0.70
C ALA A 144 28.43 -1.68 -0.44
N GLY A 145 29.01 -2.18 0.65
CA GLY A 145 30.30 -1.68 1.11
C GLY A 145 31.42 -2.26 0.25
N SER A 146 32.66 -1.93 0.59
CA SER A 146 33.81 -2.44 -0.15
C SER A 146 34.25 -3.86 0.28
N ASN A 147 33.95 -4.25 1.51
CA ASN A 147 34.50 -5.50 2.03
C ASN A 147 33.80 -6.74 1.41
N ASN A 148 34.53 -7.84 1.18
CA ASN A 148 33.86 -9.12 0.82
C ASN A 148 32.71 -9.51 1.76
N TRP A 149 32.88 -9.19 3.04
CA TRP A 149 31.93 -9.48 4.13
C TRP A 149 31.32 -8.16 4.58
N GLN A 150 30.04 -8.17 4.95
CA GLN A 150 29.31 -6.91 5.05
C GLN A 150 28.79 -6.66 6.48
N TRP A 151 27.73 -7.37 6.87
CA TRP A 151 27.05 -7.09 8.12
C TRP A 151 26.05 -8.21 8.41
N ASN A 152 25.66 -8.32 9.69
CA ASN A 152 24.50 -9.16 10.09
C ASN A 152 23.39 -8.26 10.54
N LEU A 153 22.15 -8.74 10.39
CA LEU A 153 21.00 -7.88 10.72
C LEU A 153 19.89 -8.63 11.44
N ASP A 154 19.49 -8.08 12.57
CA ASP A 154 18.43 -8.64 13.39
C ASP A 154 17.11 -8.18 12.74
N LYS A 155 16.97 -6.89 12.56
CA LYS A 155 15.73 -6.29 12.12
C LYS A 155 16.01 -4.86 11.72
N PHE A 156 15.01 -4.26 11.08
CA PHE A 156 14.99 -2.82 10.94
C PHE A 156 13.57 -2.29 11.22
N THR A 157 13.52 -1.00 11.53
CA THR A 157 12.27 -0.34 11.85
C THR A 157 12.18 0.97 11.06
N LEU A 158 10.97 1.25 10.61
CA LEU A 158 10.65 2.48 9.87
C LEU A 158 9.74 3.29 10.85
N SER A 159 10.16 4.49 11.22
CA SER A 159 9.39 5.29 12.21
C SER A 159 9.04 6.67 11.68
N ASN A 160 7.76 6.99 11.86
CA ASN A 160 7.21 8.28 11.52
C ASN A 160 6.49 8.92 12.73
N ALA B 25 5.79 -23.74 20.81
CA ALA B 25 4.29 -23.82 20.63
C ALA B 25 3.82 -23.07 19.35
N SER B 26 2.80 -23.63 18.70
CA SER B 26 2.21 -23.06 17.48
C SER B 26 0.74 -23.43 17.51
N ILE B 27 -0.14 -22.46 17.28
CA ILE B 27 -1.57 -22.67 17.21
C ILE B 27 -1.93 -22.19 15.81
N ALA B 28 -2.43 -23.07 14.98
CA ALA B 28 -2.75 -22.68 13.59
C ALA B 28 -4.27 -22.73 13.42
N VAL B 29 -4.81 -21.73 12.72
CA VAL B 29 -6.24 -21.55 12.58
C VAL B 29 -6.59 -21.24 11.09
N GLU B 30 -7.44 -22.09 10.50
CA GLU B 30 -7.89 -21.84 9.15
C GLU B 30 -8.99 -20.78 9.15
N ALA B 31 -8.83 -19.80 8.24
CA ALA B 31 -9.72 -18.65 8.19
C ALA B 31 -11.18 -19.07 7.94
N GLU B 32 -11.36 -20.12 7.15
CA GLU B 32 -12.68 -20.61 6.77
C GLU B 32 -13.37 -21.32 7.93
N ASN B 33 -12.65 -21.57 9.02
CA ASN B 33 -13.24 -22.26 10.19
C ASN B 33 -13.75 -21.27 11.23
N PHE B 34 -14.12 -20.08 10.80
CA PHE B 34 -14.62 -19.06 11.76
C PHE B 34 -15.88 -19.62 12.45
N ASN B 35 -16.14 -19.17 13.68
CA ASN B 35 -17.42 -19.42 14.40
C ASN B 35 -18.60 -18.61 13.86
N ALA B 36 -18.26 -17.39 13.46
CA ALA B 36 -19.19 -16.34 13.13
C ALA B 36 -18.47 -15.29 12.24
N VAL B 37 -19.25 -14.64 11.38
CA VAL B 37 -18.85 -13.45 10.66
C VAL B 37 -19.95 -12.40 10.76
N GLY B 38 -19.59 -11.15 10.48
CA GLY B 38 -20.53 -10.03 10.49
C GLY B 38 -19.97 -8.76 9.89
N GLY B 39 -20.72 -7.68 10.04
CA GLY B 39 -20.21 -6.32 9.86
C GLY B 39 -20.76 -5.38 10.93
N PRO B 48 -21.93 -10.56 2.79
CA PRO B 48 -21.18 -10.93 3.97
C PRO B 48 -19.89 -11.67 3.62
N VAL B 49 -19.04 -11.78 4.64
CA VAL B 49 -17.82 -12.54 4.53
C VAL B 49 -18.18 -13.95 4.08
N SER B 50 -17.41 -14.45 3.13
CA SER B 50 -17.68 -15.72 2.46
C SER B 50 -16.41 -16.55 2.34
N VAL B 51 -16.58 -17.81 2.02
CA VAL B 51 -15.49 -18.79 1.86
C VAL B 51 -15.37 -19.07 0.37
N TYR B 52 -14.14 -19.13 -0.13
CA TYR B 52 -13.86 -19.51 -1.53
C TYR B 52 -12.62 -20.38 -1.63
N THR B 53 -12.48 -21.08 -2.75
CA THR B 53 -11.23 -21.82 -3.00
C THR B 53 -10.50 -21.31 -4.24
N VAL B 54 -9.18 -21.28 -4.15
CA VAL B 54 -8.30 -20.83 -5.23
C VAL B 54 -6.92 -21.47 -5.05
N ASN B 55 -6.35 -21.97 -6.16
CA ASN B 55 -5.06 -22.69 -6.10
C ASN B 55 -5.03 -23.83 -5.06
N GLY B 56 -6.16 -24.47 -4.81
CA GLY B 56 -6.29 -25.45 -3.72
C GLY B 56 -6.06 -24.94 -2.29
N ASN B 57 -6.09 -23.63 -2.08
CA ASN B 57 -6.25 -23.05 -0.77
C ASN B 57 -7.71 -22.68 -0.54
N THR B 58 -8.21 -22.90 0.67
CA THR B 58 -9.53 -22.37 0.99
C THR B 58 -9.33 -21.14 1.87
N ALA B 59 -10.12 -20.10 1.64
CA ALA B 59 -9.89 -18.81 2.29
C ALA B 59 -11.21 -18.09 2.46
N ILE B 60 -11.15 -16.94 3.12
CA ILE B 60 -12.31 -16.06 3.21
C ILE B 60 -12.08 -14.81 2.36
N ASN B 61 -13.18 -14.34 1.77
CA ASN B 61 -13.17 -13.12 0.98
C ASN B 61 -14.49 -12.39 1.19
N TYR B 62 -14.74 -11.37 0.34
CA TYR B 62 -15.80 -10.39 0.60
C TYR B 62 -15.69 -9.77 2.01
N VAL B 63 -14.44 -9.56 2.43
CA VAL B 63 -14.20 -8.84 3.69
C VAL B 63 -14.09 -7.35 3.38
N ASN B 64 -15.13 -6.61 3.77
CA ASN B 64 -15.20 -5.18 3.58
C ASN B 64 -14.84 -4.40 4.85
N GLN B 65 -14.78 -3.08 4.76
CA GLN B 65 -14.55 -2.23 5.92
C GLN B 65 -15.58 -2.54 6.99
N GLY B 66 -15.11 -2.75 8.23
CA GLY B 66 -15.99 -3.07 9.36
C GLY B 66 -16.46 -4.51 9.51
N ASP B 67 -16.24 -5.31 8.46
CA ASP B 67 -16.49 -6.75 8.53
C ASP B 67 -15.57 -7.44 9.57
N TYR B 68 -16.00 -8.59 10.07
CA TYR B 68 -15.18 -9.38 11.01
C TYR B 68 -15.47 -10.89 10.94
N ALA B 69 -14.55 -11.70 11.46
CA ALA B 69 -14.69 -13.15 11.59
C ALA B 69 -14.19 -13.46 13.00
N ASP B 70 -14.95 -14.32 13.69
CA ASP B 70 -14.67 -14.75 15.03
C ASP B 70 -14.17 -16.20 15.01
N TYR B 71 -13.21 -16.47 15.89
CA TYR B 71 -12.54 -17.79 16.06
C TYR B 71 -12.48 -18.15 17.53
N THR B 72 -12.59 -19.44 17.82
CA THR B 72 -12.31 -19.93 19.18
C THR B 72 -10.93 -20.52 19.20
N ILE B 73 -10.14 -20.18 20.21
CA ILE B 73 -8.77 -20.72 20.26
C ILE B 73 -8.44 -21.11 21.72
N ALA B 74 -7.96 -22.33 21.92
CA ALA B 74 -7.46 -22.77 23.20
C ALA B 74 -5.96 -22.51 23.25
N VAL B 75 -5.48 -22.09 24.39
CA VAL B 75 -4.10 -21.84 24.62
C VAL B 75 -3.73 -22.72 25.82
N ALA B 76 -2.84 -23.70 25.62
CA ALA B 76 -2.46 -24.58 26.75
C ALA B 76 -1.48 -23.92 27.73
N GLN B 77 -0.60 -23.06 27.25
CA GLN B 77 0.29 -22.38 28.16
C GLN B 77 0.23 -20.86 27.98
N ALA B 78 0.00 -20.13 29.07
CA ALA B 78 0.03 -18.66 29.08
C ALA B 78 1.33 -18.18 28.44
N GLY B 79 1.27 -17.10 27.69
CA GLY B 79 2.52 -16.55 27.19
C GLY B 79 2.26 -15.59 26.04
N ASN B 80 3.37 -15.03 25.53
CA ASN B 80 3.30 -14.08 24.45
C ASN B 80 3.40 -14.80 23.12
N TYR B 81 2.40 -14.59 22.28
CA TYR B 81 2.31 -15.28 20.98
C TYR B 81 2.49 -14.30 19.84
N THR B 82 3.38 -14.70 18.94
CA THR B 82 3.59 -13.91 17.73
CA THR B 82 3.64 -13.97 17.69
C THR B 82 2.50 -14.31 16.72
N ILE B 83 1.92 -13.29 16.07
CA ILE B 83 0.84 -13.52 15.11
C ILE B 83 1.41 -13.50 13.71
N SER B 84 1.12 -14.52 12.89
CA SER B 84 1.37 -14.40 11.44
C SER B 84 0.11 -14.75 10.66
N TYR B 85 -0.19 -13.92 9.66
CA TYR B 85 -1.30 -14.17 8.75
C TYR B 85 -0.84 -14.67 7.37
N GLN B 86 -1.65 -15.52 6.73
CA GLN B 86 -1.48 -15.87 5.31
C GLN B 86 -2.60 -15.07 4.63
N ALA B 87 -2.23 -13.84 4.22
CA ALA B 87 -3.22 -12.82 3.82
C ALA B 87 -2.89 -12.29 2.42
N GLY B 88 -3.94 -11.75 1.80
CA GLY B 88 -3.80 -11.02 0.54
C GLY B 88 -4.69 -9.79 0.50
N SER B 89 -4.33 -8.83 -0.36
CA SER B 89 -5.22 -7.70 -0.64
C SER B 89 -5.01 -7.26 -2.10
N GLY B 90 -6.02 -6.60 -2.66
CA GLY B 90 -5.94 -6.02 -4.00
C GLY B 90 -6.19 -4.53 -3.99
N VAL B 91 -6.09 -3.89 -2.84
CA VAL B 91 -6.25 -2.46 -2.74
C VAL B 91 -5.27 -1.88 -1.76
N THR B 92 -5.15 -0.56 -1.81
CA THR B 92 -4.55 0.22 -0.70
C THR B 92 -5.60 0.53 0.37
N GLY B 93 -5.24 0.35 1.64
CA GLY B 93 -6.13 0.71 2.76
C GLY B 93 -6.81 -0.47 3.45
N GLY B 94 -6.29 -1.69 3.27
CA GLY B 94 -6.78 -2.88 4.04
C GLY B 94 -5.90 -3.14 5.25
N SER B 95 -6.52 -3.43 6.39
CA SER B 95 -5.74 -3.69 7.62
C SER B 95 -6.49 -4.74 8.46
N ILE B 96 -5.75 -5.67 9.06
CA ILE B 96 -6.33 -6.64 9.96
C ILE B 96 -6.15 -6.18 11.41
N GLU B 97 -7.27 -5.95 12.09
CA GLU B 97 -7.25 -5.67 13.54
C GLU B 97 -7.56 -6.95 14.27
N PHE B 98 -6.65 -7.31 15.16
CA PHE B 98 -6.76 -8.54 15.95
C PHE B 98 -7.26 -8.14 17.32
N LEU B 99 -8.43 -8.69 17.73
CA LEU B 99 -9.06 -8.41 19.06
C LEU B 99 -9.32 -9.69 19.82
N VAL B 100 -9.35 -9.57 21.16
CA VAL B 100 -9.60 -10.71 22.02
C VAL B 100 -10.74 -10.29 22.96
N ASN B 101 -11.73 -11.16 23.10
CA ASN B 101 -12.88 -10.88 23.99
CA ASN B 101 -12.87 -10.87 23.99
C ASN B 101 -12.44 -11.13 25.44
N GLU B 102 -12.43 -10.07 26.24
CA GLU B 102 -12.01 -10.16 27.67
C GLU B 102 -13.23 -9.78 28.56
N ASN B 103 -13.77 -10.78 29.22
CA ASN B 103 -14.92 -10.59 30.09
C ASN B 103 -15.97 -9.72 29.42
N GLY B 104 -16.30 -10.14 28.20
CA GLY B 104 -17.46 -9.61 27.48
C GLY B 104 -17.18 -8.31 26.76
N SER B 105 -15.92 -7.88 26.75
CA SER B 105 -15.49 -6.69 26.01
C SER B 105 -14.38 -7.04 24.96
N TRP B 106 -14.46 -6.45 23.76
CA TRP B 106 -13.47 -6.73 22.71
C TRP B 106 -12.25 -5.85 22.90
N ALA B 107 -11.12 -6.45 23.21
CA ALA B 107 -9.90 -5.71 23.42
C ALA B 107 -8.98 -5.73 22.18
N SER B 108 -8.76 -4.56 21.59
CA SER B 108 -7.91 -4.41 20.45
C SER B 108 -6.47 -4.74 20.85
N LYS B 109 -5.83 -5.58 20.06
CA LYS B 109 -4.45 -6.04 20.31
C LYS B 109 -3.41 -5.45 19.31
N THR B 110 -3.60 -5.74 18.03
CA THR B 110 -2.70 -5.20 17.01
C THR B 110 -3.52 -4.83 15.78
N VAL B 111 -2.94 -3.93 15.01
CA VAL B 111 -3.54 -3.50 13.74
C VAL B 111 -2.49 -3.54 12.65
N THR B 112 -2.76 -4.32 11.61
CA THR B 112 -1.70 -4.67 10.67
C THR B 112 -2.11 -4.43 9.24
N ALA B 113 -1.38 -3.54 8.57
CA ALA B 113 -1.69 -3.16 7.17
C ALA B 113 -1.36 -4.36 6.26
N VAL B 114 -2.22 -4.60 5.28
CA VAL B 114 -2.06 -5.81 4.42
C VAL B 114 -1.48 -5.41 3.05
N PRO B 115 -0.32 -5.99 2.65
CA PRO B 115 0.19 -5.60 1.30
C PRO B 115 -0.80 -5.88 0.14
N ASN B 116 -0.74 -5.02 -0.87
CA ASN B 116 -1.54 -5.18 -2.03
C ASN B 116 -0.69 -5.93 -3.05
N GLN B 117 -0.79 -7.26 -3.06
CA GLN B 117 -0.07 -8.06 -4.04
C GLN B 117 -1.00 -9.03 -4.77
N GLY B 118 -2.29 -8.69 -4.80
CA GLY B 118 -3.29 -9.51 -5.43
C GLY B 118 -4.15 -10.24 -4.37
N TRP B 119 -5.47 -10.20 -4.58
CA TRP B 119 -6.41 -10.83 -3.66
C TRP B 119 -6.12 -12.29 -3.31
N ASP B 120 -5.64 -13.06 -4.29
CA ASP B 120 -5.50 -14.51 -4.12
C ASP B 120 -4.06 -14.91 -3.74
N ASN B 121 -3.21 -13.90 -3.64
CA ASN B 121 -1.80 -14.16 -3.46
C ASN B 121 -1.43 -14.11 -2.00
N PHE B 122 -1.78 -15.18 -1.27
CA PHE B 122 -1.59 -15.21 0.21
C PHE B 122 -0.11 -15.26 0.52
N GLN B 123 0.32 -14.33 1.33
CA GLN B 123 1.76 -14.21 1.73
C GLN B 123 1.81 -14.05 3.28
N PRO B 124 2.89 -14.54 3.92
CA PRO B 124 3.01 -14.37 5.40
C PRO B 124 3.08 -12.90 5.75
N LEU B 125 2.38 -12.52 6.82
CA LEU B 125 2.25 -11.12 7.23
C LEU B 125 2.37 -11.11 8.75
N ASN B 126 3.38 -10.38 9.23
CA ASN B 126 3.63 -10.28 10.68
C ASN B 126 2.54 -9.42 11.33
N GLY B 127 1.79 -10.02 12.26
CA GLY B 127 0.70 -9.29 12.95
C GLY B 127 1.05 -8.85 14.36
N GLY B 128 2.31 -8.91 14.71
CA GLY B 128 2.75 -8.45 16.05
C GLY B 128 2.64 -9.55 17.05
N SER B 129 2.35 -9.21 18.31
CA SER B 129 2.25 -10.22 19.34
CA SER B 129 2.25 -10.23 19.35
C SER B 129 1.08 -9.97 20.28
N VAL B 130 0.66 -11.05 20.94
CA VAL B 130 -0.44 -10.99 21.87
C VAL B 130 -0.19 -11.97 23.04
N TYR B 131 -0.26 -11.44 24.26
CA TYR B 131 -0.23 -12.27 25.42
C TYR B 131 -1.61 -12.86 25.68
N LEU B 132 -1.63 -14.16 25.90
CA LEU B 132 -2.86 -14.88 26.19
C LEU B 132 -2.65 -15.74 27.42
N SER B 133 -3.59 -15.62 28.35
CA SER B 133 -3.62 -16.52 29.50
C SER B 133 -3.96 -17.95 29.05
N ALA B 134 -3.64 -18.96 29.88
CA ALA B 134 -4.11 -20.32 29.60
C ALA B 134 -5.63 -20.37 29.62
N GLY B 135 -6.19 -21.03 28.61
CA GLY B 135 -7.61 -21.34 28.54
C GLY B 135 -8.15 -21.12 27.12
N THR B 136 -9.45 -20.96 27.04
CA THR B 136 -10.09 -20.80 25.72
C THR B 136 -10.45 -19.35 25.48
N HIS B 137 -10.08 -18.82 24.32
CA HIS B 137 -10.34 -17.41 24.02
C HIS B 137 -11.16 -17.26 22.72
N GLN B 138 -11.97 -16.19 22.66
CA GLN B 138 -12.60 -15.76 21.43
C GLN B 138 -11.74 -14.64 20.88
N VAL B 139 -11.33 -14.80 19.64
CA VAL B 139 -10.53 -13.86 18.88
C VAL B 139 -11.33 -13.35 17.68
N ARG B 140 -11.15 -12.09 17.35
CA ARG B 140 -11.89 -11.50 16.21
C ARG B 140 -10.88 -10.86 15.26
N LEU B 141 -11.01 -11.14 13.96
CA LEU B 141 -10.20 -10.43 12.94
C LEU B 141 -11.16 -9.43 12.25
N HIS B 142 -10.79 -8.15 12.26
CA HIS B 142 -11.68 -7.05 11.83
C HIS B 142 -11.05 -6.24 10.68
N GLY B 143 -11.88 -5.91 9.68
CA GLY B 143 -11.40 -5.11 8.55
C GLY B 143 -11.36 -3.68 9.01
N ALA B 144 -10.20 -3.30 9.53
CA ALA B 144 -10.02 -2.04 10.24
C ALA B 144 -9.49 -0.86 9.40
N GLY B 145 -9.17 -1.10 8.14
CA GLY B 145 -8.56 -0.11 7.28
C GLY B 145 -9.58 0.86 6.69
N SER B 146 -9.08 1.79 5.89
CA SER B 146 -9.94 2.86 5.33
C SER B 146 -10.75 2.40 4.11
N ASN B 147 -10.27 1.37 3.42
CA ASN B 147 -10.87 0.98 2.16
C ASN B 147 -12.19 0.19 2.32
N ASN B 148 -13.18 0.51 1.47
CA ASN B 148 -14.38 -0.35 1.37
C ASN B 148 -14.05 -1.85 1.33
N TRP B 149 -12.96 -2.20 0.63
CA TRP B 149 -12.50 -3.58 0.52
C TRP B 149 -11.23 -3.74 1.31
N GLN B 150 -11.08 -4.89 1.96
CA GLN B 150 -10.04 -5.00 3.00
C GLN B 150 -8.96 -6.03 2.64
N TRP B 151 -9.24 -7.32 2.83
CA TRP B 151 -8.23 -8.35 2.65
C TRP B 151 -8.91 -9.69 2.52
N ASN B 152 -8.19 -10.67 1.95
CA ASN B 152 -8.60 -12.06 2.01
C ASN B 152 -7.63 -12.81 2.94
N LEU B 153 -8.11 -13.90 3.51
CA LEU B 153 -7.27 -14.60 4.47
C LEU B 153 -7.37 -16.11 4.31
N ASP B 154 -6.21 -16.75 4.19
CA ASP B 154 -6.15 -18.21 4.13
C ASP B 154 -6.22 -18.86 5.55
N LYS B 155 -5.33 -18.39 6.42
CA LYS B 155 -5.16 -18.96 7.77
CA LYS B 155 -5.16 -18.97 7.76
C LYS B 155 -4.32 -18.01 8.57
N PHE B 156 -4.19 -18.28 9.89
CA PHE B 156 -3.26 -17.51 10.69
C PHE B 156 -2.69 -18.38 11.79
N THR B 157 -1.56 -17.99 12.33
CA THR B 157 -0.88 -18.80 13.35
CA THR B 157 -0.93 -18.79 13.39
C THR B 157 -0.47 -17.92 14.54
N LEU B 158 -0.50 -18.50 15.74
CA LEU B 158 0.03 -17.86 16.95
C LEU B 158 1.19 -18.76 17.43
N SER B 159 2.38 -18.20 17.62
CA SER B 159 3.62 -18.94 17.87
C SER B 159 4.31 -18.40 19.14
N ASN B 160 4.81 -19.29 19.99
CA ASN B 160 5.41 -18.91 21.30
C ASN B 160 6.64 -19.78 21.51
N SER C 26 -10.80 13.28 -0.30
CA SER C 26 -10.26 13.82 0.99
C SER C 26 -8.81 13.43 1.25
N ILE C 27 -7.96 14.43 1.46
CA ILE C 27 -6.58 14.24 1.81
C ILE C 27 -6.32 15.03 3.11
N ALA C 28 -5.88 14.36 4.16
CA ALA C 28 -5.51 15.04 5.40
C ALA C 28 -4.04 14.90 5.61
N VAL C 29 -3.39 16.02 5.90
CA VAL C 29 -1.98 16.03 6.19
C VAL C 29 -1.70 16.75 7.50
N GLU C 30 -0.98 16.07 8.41
CA GLU C 30 -0.47 16.69 9.63
C GLU C 30 0.72 17.58 9.31
N ALA C 31 0.70 18.83 9.80
CA ALA C 31 1.78 19.78 9.51
C ALA C 31 3.18 19.33 9.96
N GLU C 32 3.22 18.67 11.12
CA GLU C 32 4.45 18.10 11.65
C GLU C 32 4.99 16.91 10.78
N ASN C 33 4.16 16.41 9.83
CA ASN C 33 4.53 15.29 8.89
C ASN C 33 5.24 15.82 7.60
N PHE C 34 6.02 16.89 7.77
CA PHE C 34 6.70 17.52 6.61
C PHE C 34 7.92 16.70 6.15
N ASN C 35 8.29 16.87 4.86
CA ASN C 35 9.51 16.28 4.28
C ASN C 35 10.75 17.12 4.46
N ALA C 36 10.56 18.44 4.45
CA ALA C 36 11.62 19.41 4.68
C ALA C 36 11.00 20.71 5.11
N VAL C 37 11.82 21.55 5.73
CA VAL C 37 11.46 22.95 6.06
C VAL C 37 12.64 23.84 5.68
N GLY C 38 12.39 25.13 5.46
CA GLY C 38 13.43 26.08 5.14
C GLY C 38 12.98 27.49 5.50
N GLY C 39 13.83 28.44 5.11
CA GLY C 39 13.76 29.87 5.46
C GLY C 39 14.88 30.29 6.43
N PRO C 48 14.67 27.65 12.88
CA PRO C 48 13.95 27.08 11.75
C PRO C 48 12.55 26.64 12.22
N VAL C 49 11.69 26.39 11.25
CA VAL C 49 10.40 25.80 11.50
C VAL C 49 10.54 24.60 12.44
N SER C 50 9.84 24.64 13.57
CA SER C 50 9.96 23.55 14.55
C SER C 50 8.65 22.87 14.81
N VAL C 51 8.73 21.70 15.46
CA VAL C 51 7.54 20.96 15.90
C VAL C 51 7.41 21.21 17.39
N TYR C 52 6.18 21.36 17.86
CA TYR C 52 5.95 21.51 19.30
C TYR C 52 4.63 20.89 19.59
N THR C 53 4.33 20.75 20.88
CA THR C 53 3.06 20.17 21.29
CA THR C 53 3.05 20.18 21.30
C THR C 53 2.35 21.12 22.27
N VAL C 54 1.04 21.23 22.10
CA VAL C 54 0.13 22.04 22.95
C VAL C 54 -1.22 21.39 23.06
N ASN C 55 -1.77 21.37 24.27
CA ASN C 55 -3.13 20.83 24.47
C ASN C 55 -3.36 19.45 23.87
N GLY C 56 -2.32 18.62 23.90
CA GLY C 56 -2.38 17.29 23.27
C GLY C 56 -2.17 17.29 21.76
N ASN C 57 -2.10 18.48 21.14
CA ASN C 57 -1.86 18.66 19.69
C ASN C 57 -0.38 18.78 19.38
N THR C 58 0.00 18.32 18.18
CA THR C 58 1.37 18.49 17.70
C THR C 58 1.21 19.38 16.47
N ALA C 59 2.10 20.34 16.31
CA ALA C 59 1.93 21.34 15.27
C ALA C 59 3.30 21.90 14.95
N ILE C 60 3.38 22.80 13.97
CA ILE C 60 4.61 23.49 13.68
C ILE C 60 4.53 24.95 14.20
N ASN C 61 5.64 25.47 14.69
CA ASN C 61 5.76 26.88 15.13
C ASN C 61 7.13 27.39 14.71
N TYR C 62 7.49 28.60 15.16
CA TYR C 62 8.64 29.33 14.66
C TYR C 62 8.56 29.47 13.14
N VAL C 63 7.33 29.64 12.63
CA VAL C 63 7.10 30.02 11.24
C VAL C 63 7.21 31.53 11.04
N ASN C 64 8.29 31.95 10.38
CA ASN C 64 8.57 33.36 10.12
C ASN C 64 8.29 33.71 8.72
N GLN C 65 8.32 35.01 8.43
CA GLN C 65 8.22 35.49 7.03
C GLN C 65 9.27 34.81 6.13
N GLY C 66 8.81 34.18 5.03
CA GLY C 66 9.70 33.43 4.12
C GLY C 66 10.02 31.98 4.50
N ASP C 67 9.60 31.53 5.66
CA ASP C 67 9.76 30.10 6.03
C ASP C 67 8.79 29.22 5.24
N TYR C 68 9.14 27.95 5.09
CA TYR C 68 8.25 27.04 4.35
C TYR C 68 8.36 25.62 4.89
N ALA C 69 7.35 24.82 4.56
CA ALA C 69 7.35 23.43 4.92
C ALA C 69 6.85 22.69 3.70
N ASP C 70 7.51 21.55 3.38
CA ASP C 70 7.15 20.75 2.16
C ASP C 70 6.48 19.42 2.51
N TYR C 71 5.50 19.01 1.70
CA TYR C 71 4.73 17.80 1.89
C TYR C 71 4.55 17.12 0.52
N THR C 72 4.20 15.84 0.59
CA THR C 72 3.75 15.06 -0.58
C THR C 72 2.32 14.69 -0.38
N ILE C 73 1.56 14.77 -1.46
CA ILE C 73 0.19 14.25 -1.50
C ILE C 73 0.01 13.33 -2.70
N ALA C 74 -0.95 12.41 -2.54
CA ALA C 74 -1.33 11.51 -3.60
C ALA C 74 -2.81 11.79 -3.93
N VAL C 75 -3.08 12.13 -5.19
CA VAL C 75 -4.44 12.52 -5.64
C VAL C 75 -4.93 11.40 -6.57
N ALA C 76 -6.02 10.74 -6.18
CA ALA C 76 -6.58 9.67 -7.03
C ALA C 76 -7.42 10.15 -8.22
N GLN C 77 -8.27 11.16 -7.99
CA GLN C 77 -9.06 11.70 -9.10
CA GLN C 77 -9.13 11.71 -9.04
C GLN C 77 -8.74 13.16 -9.31
N ALA C 78 -8.47 13.49 -10.58
CA ALA C 78 -8.23 14.86 -11.01
C ALA C 78 -9.45 15.69 -10.68
N GLY C 79 -9.21 16.88 -10.12
CA GLY C 79 -10.31 17.82 -9.92
C GLY C 79 -9.93 18.99 -9.03
N ASN C 80 -10.97 19.76 -8.66
CA ASN C 80 -10.80 20.94 -7.84
CA ASN C 80 -10.87 20.94 -7.82
C ASN C 80 -10.95 20.56 -6.35
N TYR C 81 -9.93 20.93 -5.56
CA TYR C 81 -9.89 20.59 -4.15
C TYR C 81 -9.96 21.84 -3.29
N THR C 82 -10.87 21.81 -2.32
CA THR C 82 -10.94 22.89 -1.34
CA THR C 82 -10.94 22.89 -1.36
C THR C 82 -9.90 22.68 -0.25
N ILE C 83 -9.13 23.75 0.03
CA ILE C 83 -8.14 23.71 1.11
C ILE C 83 -8.74 24.22 2.42
N SER C 84 -8.52 23.49 3.51
CA SER C 84 -8.78 23.98 4.88
CA SER C 84 -8.76 24.02 4.85
C SER C 84 -7.55 23.78 5.72
N TYR C 85 -7.23 24.75 6.56
CA TYR C 85 -6.14 24.68 7.48
C TYR C 85 -6.66 24.61 8.92
N GLN C 86 -5.94 23.89 9.78
CA GLN C 86 -6.16 24.12 11.23
C GLN C 86 -5.01 24.95 11.71
N ALA C 87 -5.24 26.28 11.75
CA ALA C 87 -4.15 27.23 11.94
C ALA C 87 -4.44 28.20 13.09
N GLY C 88 -3.36 28.77 13.66
CA GLY C 88 -3.45 29.95 14.54
C GLY C 88 -2.39 30.97 14.30
N SER C 89 -2.57 32.19 14.81
CA SER C 89 -1.52 33.20 14.86
C SER C 89 -1.74 34.07 16.10
N GLY C 90 -0.71 34.74 16.55
CA GLY C 90 -0.83 35.74 17.65
C GLY C 90 -0.43 37.13 17.19
N VAL C 91 -0.42 37.36 15.89
CA VAL C 91 -0.07 38.65 15.32
C VAL C 91 -1.01 38.91 14.14
N THR C 92 -1.07 40.20 13.78
CA THR C 92 -1.61 40.64 12.48
C THR C 92 -0.51 40.61 11.43
N GLY C 93 -0.84 40.02 10.27
CA GLY C 93 0.09 40.05 9.14
C GLY C 93 0.68 38.69 8.74
N GLY C 94 0.08 37.61 9.27
CA GLY C 94 0.43 36.23 8.88
C GLY C 94 -0.48 35.75 7.73
N SER C 95 0.12 35.15 6.70
CA SER C 95 -0.64 34.54 5.58
C SER C 95 0.01 33.22 5.18
N ILE C 96 -0.81 32.25 4.84
CA ILE C 96 -0.31 30.95 4.36
C ILE C 96 -0.42 30.95 2.84
N GLU C 97 0.72 30.85 2.18
CA GLU C 97 0.73 30.64 0.75
C GLU C 97 0.86 29.17 0.41
N PHE C 98 -0.04 28.67 -0.46
CA PHE C 98 -0.09 27.25 -0.81
C PHE C 98 0.52 27.13 -2.23
N LEU C 99 1.61 26.38 -2.36
CA LEU C 99 2.26 26.20 -3.68
C LEU C 99 2.30 24.73 -4.05
N VAL C 100 2.31 24.50 -5.35
CA VAL C 100 2.48 23.14 -5.88
C VAL C 100 3.66 23.15 -6.85
N ASN C 101 4.50 22.12 -6.74
CA ASN C 101 5.60 21.96 -7.66
C ASN C 101 5.09 21.38 -8.99
N GLU C 102 5.34 22.13 -10.05
CA GLU C 102 4.88 21.76 -11.40
C GLU C 102 6.09 21.71 -12.30
N ASN C 103 6.42 20.48 -12.71
CA ASN C 103 7.59 20.22 -13.53
C ASN C 103 8.80 21.05 -13.07
N GLY C 104 9.13 20.87 -11.81
CA GLY C 104 10.42 21.39 -11.30
C GLY C 104 10.37 22.79 -10.77
N SER C 105 9.20 23.44 -10.84
CA SER C 105 9.05 24.81 -10.41
CA SER C 105 9.11 24.79 -10.28
C SER C 105 7.82 25.02 -9.48
N TRP C 106 7.95 25.85 -8.44
CA TRP C 106 6.82 26.09 -7.51
C TRP C 106 5.82 27.04 -8.14
N ALA C 107 4.54 26.67 -8.10
CA ALA C 107 3.47 27.48 -8.67
C ALA C 107 2.56 27.91 -7.52
N SER C 108 2.44 29.22 -7.30
CA SER C 108 1.62 29.74 -6.19
C SER C 108 0.14 29.47 -6.51
N LYS C 109 -0.64 28.99 -5.55
CA LYS C 109 -2.05 28.70 -5.79
C LYS C 109 -3.02 29.66 -5.04
N THR C 110 -2.84 29.74 -3.73
CA THR C 110 -3.68 30.62 -2.88
C THR C 110 -2.86 31.21 -1.74
N VAL C 111 -3.32 32.36 -1.26
CA VAL C 111 -2.63 33.08 -0.18
C VAL C 111 -3.75 33.46 0.79
N THR C 112 -3.65 33.00 2.05
CA THR C 112 -4.76 33.07 3.02
C THR C 112 -4.31 33.71 4.33
N ALA C 113 -4.93 34.87 4.69
CA ALA C 113 -4.63 35.57 5.94
C ALA C 113 -5.11 34.67 7.08
N VAL C 114 -4.26 34.59 8.10
CA VAL C 114 -4.54 33.79 9.29
C VAL C 114 -5.05 34.68 10.46
N PRO C 115 -6.25 34.37 10.99
CA PRO C 115 -6.73 35.24 12.12
C PRO C 115 -5.82 35.20 13.37
N ASN C 116 -5.73 36.35 14.03
CA ASN C 116 -4.97 36.48 15.23
C ASN C 116 -5.89 36.09 16.38
N GLN C 117 -5.87 34.81 16.76
CA GLN C 117 -6.70 34.37 17.89
C GLN C 117 -5.87 33.57 18.92
N GLY C 118 -4.55 33.77 18.88
CA GLY C 118 -3.60 33.12 19.81
C GLY C 118 -2.80 32.06 19.06
N TRP C 119 -1.50 32.04 19.31
CA TRP C 119 -0.56 31.13 18.63
C TRP C 119 -0.95 29.67 18.73
N ASP C 120 -1.46 29.28 19.90
CA ASP C 120 -1.78 27.86 20.15
C ASP C 120 -3.24 27.50 19.87
N ASN C 121 -4.00 28.46 19.38
CA ASN C 121 -5.45 28.30 19.21
C ASN C 121 -5.77 27.97 17.76
N PHE C 122 -5.68 26.67 17.42
CA PHE C 122 -5.88 26.21 16.03
C PHE C 122 -7.35 26.19 15.70
N GLN C 123 -7.70 26.85 14.60
CA GLN C 123 -9.08 26.94 14.12
C GLN C 123 -9.16 26.73 12.60
N PRO C 124 -10.29 26.18 12.13
CA PRO C 124 -10.51 25.92 10.70
C PRO C 124 -10.50 27.21 9.89
N LEU C 125 -9.68 27.21 8.83
CA LEU C 125 -9.48 28.37 7.99
C LEU C 125 -9.60 27.95 6.52
N ASN C 126 -10.51 28.57 5.80
CA ASN C 126 -10.69 28.34 4.40
C ASN C 126 -9.47 28.80 3.58
N GLY C 127 -8.84 27.89 2.85
CA GLY C 127 -7.67 28.28 2.04
C GLY C 127 -7.95 28.41 0.54
N GLY C 128 -9.23 28.47 0.17
CA GLY C 128 -9.59 28.52 -1.27
C GLY C 128 -9.59 27.13 -1.92
N SER C 129 -9.33 27.12 -3.22
CA SER C 129 -9.40 25.92 -4.05
CA SER C 129 -9.34 25.88 -3.99
C SER C 129 -8.16 25.80 -4.95
N VAL C 130 -7.78 24.57 -5.21
CA VAL C 130 -6.67 24.24 -6.12
C VAL C 130 -7.09 23.04 -6.98
N TYR C 131 -6.88 23.18 -8.29
CA TYR C 131 -7.07 22.11 -9.23
C TYR C 131 -5.80 21.27 -9.22
N LEU C 132 -5.99 19.96 -9.14
CA LEU C 132 -4.85 19.02 -9.17
C LEU C 132 -5.15 17.84 -10.04
N SER C 133 -4.18 17.52 -10.88
CA SER C 133 -4.24 16.31 -11.72
C SER C 133 -4.04 15.07 -10.83
N ALA C 134 -4.42 13.89 -11.36
CA ALA C 134 -4.25 12.66 -10.64
C ALA C 134 -2.75 12.36 -10.60
N GLY C 135 -2.32 11.83 -9.46
CA GLY C 135 -0.93 11.48 -9.25
C GLY C 135 -0.36 12.15 -8.03
N THR C 136 0.95 12.13 -7.98
CA THR C 136 1.72 12.60 -6.83
C THR C 136 2.11 14.05 -7.06
N HIS C 137 1.97 14.81 -5.98
CA HIS C 137 2.32 16.21 -6.01
C HIS C 137 3.12 16.62 -4.81
N GLN C 138 4.12 17.49 -5.02
CA GLN C 138 4.78 18.12 -3.90
C GLN C 138 4.10 19.46 -3.63
N VAL C 139 3.81 19.74 -2.36
CA VAL C 139 3.09 20.92 -1.93
C VAL C 139 3.97 21.65 -0.90
N ARG C 140 3.96 22.98 -0.96
CA ARG C 140 4.71 23.79 -0.01
C ARG C 140 3.74 24.76 0.66
N LEU C 141 3.86 24.91 1.99
CA LEU C 141 3.13 25.96 2.72
C LEU C 141 4.18 27.00 3.10
N HIS C 142 3.98 28.27 2.72
CA HIS C 142 4.95 29.34 2.81
C HIS C 142 4.42 30.53 3.63
N GLY C 143 5.28 31.07 4.51
CA GLY C 143 4.87 32.24 5.32
C GLY C 143 4.96 33.50 4.48
N ALA C 144 3.83 33.84 3.88
CA ALA C 144 3.80 34.84 2.80
C ALA C 144 3.40 36.24 3.28
N GLY C 145 2.99 36.35 4.54
CA GLY C 145 2.48 37.62 5.08
C GLY C 145 3.57 38.66 5.33
N SER C 146 3.15 39.88 5.71
CA SER C 146 4.08 40.98 5.97
C SER C 146 4.86 40.85 7.28
N ASN C 147 4.33 40.12 8.25
CA ASN C 147 4.90 40.12 9.59
C ASN C 147 6.11 39.17 9.71
N ASN C 148 7.14 39.57 10.47
CA ASN C 148 8.27 38.64 10.72
C ASN C 148 7.78 37.30 11.26
N TRP C 149 6.66 37.32 11.99
CA TRP C 149 6.08 36.10 12.60
C TRP C 149 4.75 35.80 11.91
N GLN C 150 4.48 34.52 11.58
CA GLN C 150 3.45 34.24 10.60
C GLN C 150 2.25 33.52 11.22
N TRP C 151 2.43 32.23 11.52
CA TRP C 151 1.37 31.34 11.93
C TRP C 151 1.93 30.02 12.46
N ASN C 152 1.11 29.34 13.26
CA ASN C 152 1.37 27.95 13.65
C ASN C 152 0.31 27.09 12.96
N LEU C 153 0.64 25.85 12.68
CA LEU C 153 -0.27 24.98 11.96
C LEU C 153 -0.31 23.57 12.54
N ASP C 154 -1.53 23.07 12.72
CA ASP C 154 -1.80 21.73 13.23
C ASP C 154 -1.80 20.73 12.07
N LYS C 155 -2.59 21.03 11.06
CA LYS C 155 -2.84 20.12 9.93
C LYS C 155 -3.60 20.87 8.85
N PHE C 156 -3.68 20.27 7.67
CA PHE C 156 -4.51 20.81 6.59
C PHE C 156 -5.21 19.67 5.84
N THR C 157 -6.26 20.04 5.11
CA THR C 157 -7.08 19.10 4.34
C THR C 157 -7.38 19.63 2.94
N LEU C 158 -7.47 18.70 1.97
CA LEU C 158 -7.90 18.98 0.59
C LEU C 158 -9.14 18.10 0.43
N SER C 159 -10.24 18.72 0.04
CA SER C 159 -11.54 18.00 -0.11
C SER C 159 -12.12 18.22 -1.50
N ASN C 160 -12.54 17.13 -2.17
CA ASN C 160 -13.13 17.18 -3.54
C ASN C 160 -14.65 17.37 -3.55
N ALA D 25 3.22 -1.92 -32.46
CA ALA D 25 3.17 -2.75 -31.20
C ALA D 25 1.77 -3.36 -30.93
N SER D 26 1.76 -4.64 -30.58
CA SER D 26 0.52 -5.36 -30.32
C SER D 26 0.69 -6.40 -29.17
N ILE D 27 -0.32 -6.46 -28.30
CA ILE D 27 -0.36 -7.37 -27.18
C ILE D 27 -1.69 -8.15 -27.31
N ALA D 28 -1.63 -9.47 -27.39
CA ALA D 28 -2.85 -10.28 -27.32
C ALA D 28 -2.95 -11.05 -26.01
N VAL D 29 -4.16 -11.07 -25.44
CA VAL D 29 -4.41 -11.79 -24.19
C VAL D 29 -5.61 -12.69 -24.36
N GLU D 30 -5.43 -13.97 -24.08
CA GLU D 30 -6.53 -14.94 -24.08
C GLU D 30 -7.37 -14.73 -22.81
N ALA D 31 -8.69 -14.61 -22.97
CA ALA D 31 -9.56 -14.35 -21.82
C ALA D 31 -9.45 -15.40 -20.74
N GLU D 32 -9.19 -16.64 -21.16
CA GLU D 32 -9.17 -17.75 -20.22
C GLU D 32 -7.91 -17.78 -19.34
N ASN D 33 -6.98 -16.89 -19.65
CA ASN D 33 -5.73 -16.79 -18.92
C ASN D 33 -5.75 -15.64 -17.92
N PHE D 34 -6.95 -15.41 -17.38
CA PHE D 34 -7.08 -14.43 -16.29
C PHE D 34 -6.20 -14.76 -15.09
N ASN D 35 -5.75 -13.72 -14.39
CA ASN D 35 -5.03 -13.98 -13.15
CA ASN D 35 -5.03 -13.88 -13.14
C ASN D 35 -5.95 -14.13 -11.95
N ALA D 36 -7.23 -13.76 -12.10
CA ALA D 36 -8.25 -13.82 -11.04
C ALA D 36 -9.59 -13.45 -11.69
N VAL D 37 -10.65 -13.96 -11.11
CA VAL D 37 -12.03 -13.58 -11.47
C VAL D 37 -12.80 -13.36 -10.16
N GLY D 38 -13.89 -12.59 -10.24
CA GLY D 38 -14.70 -12.32 -9.06
C GLY D 38 -16.10 -11.97 -9.50
N GLY D 39 -17.00 -11.87 -8.51
CA GLY D 39 -18.38 -11.51 -8.77
C GLY D 39 -19.41 -12.28 -7.96
N THR D 40 -20.61 -11.74 -7.94
CA THR D 40 -21.53 -12.11 -6.88
C THR D 40 -22.74 -12.94 -7.37
N PHE D 41 -23.04 -12.89 -8.67
CA PHE D 41 -24.20 -13.60 -9.23
C PHE D 41 -24.12 -15.13 -9.08
N PRO D 48 -16.95 -17.43 -10.09
CA PRO D 48 -18.06 -16.59 -10.57
C PRO D 48 -18.01 -16.34 -12.08
N VAL D 49 -16.89 -16.70 -12.69
CA VAL D 49 -16.66 -16.65 -14.12
C VAL D 49 -15.99 -18.00 -14.46
N SER D 50 -16.36 -18.57 -15.61
CA SER D 50 -16.02 -19.93 -15.99
C SER D 50 -15.35 -19.97 -17.34
N VAL D 51 -14.65 -21.08 -17.59
CA VAL D 51 -14.04 -21.34 -18.89
C VAL D 51 -14.82 -22.41 -19.65
N TYR D 52 -14.93 -22.22 -20.96
CA TYR D 52 -15.60 -23.16 -21.87
C TYR D 52 -14.97 -23.17 -23.29
N THR D 53 -15.25 -24.22 -24.05
CA THR D 53 -14.69 -24.32 -25.41
C THR D 53 -15.83 -24.50 -26.41
N VAL D 54 -15.70 -23.85 -27.56
CA VAL D 54 -16.72 -23.91 -28.61
C VAL D 54 -16.11 -23.52 -29.97
N ASN D 55 -16.28 -24.37 -31.01
CA ASN D 55 -15.74 -24.05 -32.37
C ASN D 55 -14.22 -23.91 -32.46
N GLY D 56 -13.51 -24.68 -31.64
CA GLY D 56 -12.05 -24.59 -31.60
C GLY D 56 -11.55 -23.37 -30.84
N ASN D 57 -12.46 -22.74 -30.07
CA ASN D 57 -12.16 -21.51 -29.31
C ASN D 57 -12.36 -21.74 -27.83
N THR D 58 -11.40 -21.31 -27.03
CA THR D 58 -11.56 -21.30 -25.60
C THR D 58 -11.92 -19.86 -25.15
N ALA D 59 -12.82 -19.75 -24.20
CA ALA D 59 -13.37 -18.44 -23.85
C ALA D 59 -13.93 -18.49 -22.44
N ILE D 60 -14.32 -17.31 -21.90
CA ILE D 60 -14.99 -17.28 -20.62
C ILE D 60 -16.50 -17.02 -20.79
N ASN D 61 -17.28 -17.59 -19.89
CA ASN D 61 -18.72 -17.41 -19.93
C ASN D 61 -19.25 -17.36 -18.50
N TYR D 62 -20.58 -17.34 -18.32
CA TYR D 62 -21.16 -17.12 -17.00
C TYR D 62 -20.67 -15.77 -16.40
N VAL D 63 -20.45 -14.81 -17.28
CA VAL D 63 -20.13 -13.47 -16.85
C VAL D 63 -21.45 -12.75 -16.64
N ASN D 64 -21.72 -12.48 -15.37
CA ASN D 64 -22.96 -11.76 -14.95
C ASN D 64 -22.67 -10.25 -14.85
N GLN D 65 -23.64 -9.35 -14.77
CA GLN D 65 -23.63 -8.22 -13.84
C GLN D 65 -22.68 -8.18 -12.65
N GLY D 66 -21.69 -7.29 -12.77
CA GLY D 66 -20.68 -6.98 -11.72
C GLY D 66 -19.55 -8.02 -11.63
N ASP D 67 -19.62 -9.08 -12.46
CA ASP D 67 -18.51 -10.01 -12.53
C ASP D 67 -17.32 -9.30 -13.21
N TYR D 68 -16.13 -9.86 -13.03
CA TYR D 68 -14.94 -9.28 -13.60
C TYR D 68 -13.82 -10.33 -13.71
N ALA D 69 -12.92 -10.05 -14.65
CA ALA D 69 -11.74 -10.86 -14.89
C ALA D 69 -10.53 -9.90 -14.92
N ASP D 70 -9.46 -10.28 -14.20
CA ASP D 70 -8.23 -9.48 -14.03
C ASP D 70 -7.08 -10.14 -14.80
N TYR D 71 -6.29 -9.30 -15.45
CA TYR D 71 -5.18 -9.72 -16.32
C TYR D 71 -3.98 -8.87 -15.95
N THR D 72 -2.78 -9.44 -16.06
CA THR D 72 -1.57 -8.63 -15.97
C THR D 72 -0.94 -8.57 -17.35
N ILE D 73 -0.51 -7.40 -17.77
CA ILE D 73 -0.03 -7.14 -19.12
CA ILE D 73 0.05 -7.26 -19.10
C ILE D 73 1.34 -6.47 -18.98
N ALA D 74 2.26 -6.70 -19.89
CA ALA D 74 3.48 -5.97 -19.94
C ALA D 74 3.53 -5.26 -21.31
N VAL D 75 3.92 -4.00 -21.28
CA VAL D 75 3.89 -3.06 -22.39
C VAL D 75 5.36 -2.63 -22.54
N ALA D 76 6.03 -3.07 -23.59
CA ALA D 76 7.43 -2.67 -23.87
C ALA D 76 7.46 -1.18 -24.31
N GLN D 77 6.49 -0.79 -25.13
CA GLN D 77 6.47 0.55 -25.72
C GLN D 77 5.29 1.40 -25.19
N ALA D 78 5.59 2.54 -24.55
CA ALA D 78 4.52 3.48 -24.13
C ALA D 78 3.67 3.91 -25.34
N GLY D 79 2.38 4.15 -25.12
CA GLY D 79 1.51 4.63 -26.25
C GLY D 79 0.01 4.50 -26.00
N ASN D 80 -0.77 5.08 -26.93
CA ASN D 80 -2.21 4.89 -26.99
CA ASN D 80 -2.21 4.91 -27.04
C ASN D 80 -2.50 3.56 -27.67
N TYR D 81 -3.13 2.64 -26.93
CA TYR D 81 -3.44 1.31 -27.43
C TYR D 81 -4.95 1.17 -27.72
N THR D 82 -5.26 0.74 -28.93
CA THR D 82 -6.64 0.46 -29.34
C THR D 82 -7.05 -0.90 -28.77
N ILE D 83 -8.22 -0.96 -28.15
CA ILE D 83 -8.71 -2.18 -27.55
C ILE D 83 -9.61 -2.90 -28.58
N SER D 84 -9.36 -4.18 -28.81
CA SER D 84 -10.30 -5.03 -29.55
C SER D 84 -10.65 -6.32 -28.81
N TYR D 85 -11.94 -6.50 -28.53
CA TYR D 85 -12.40 -7.74 -27.91
C TYR D 85 -12.84 -8.71 -29.01
N GLN D 86 -12.64 -10.00 -28.77
CA GLN D 86 -13.34 -11.05 -29.51
C GLN D 86 -14.44 -11.47 -28.59
N ALA D 87 -15.58 -10.82 -28.73
CA ALA D 87 -16.66 -10.88 -27.75
C ALA D 87 -17.99 -11.36 -28.36
N GLY D 88 -18.81 -12.03 -27.57
CA GLY D 88 -20.20 -12.35 -27.93
C GLY D 88 -21.17 -12.03 -26.81
N SER D 89 -22.45 -11.85 -27.17
CA SER D 89 -23.46 -11.81 -26.12
C SER D 89 -24.76 -12.33 -26.71
N GLY D 90 -25.60 -12.88 -25.83
CA GLY D 90 -26.94 -13.36 -26.24
C GLY D 90 -28.07 -12.62 -25.56
N VAL D 91 -27.74 -11.41 -25.08
CA VAL D 91 -28.72 -10.48 -24.51
C VAL D 91 -28.40 -9.05 -25.01
N THR D 92 -29.39 -8.16 -24.81
CA THR D 92 -29.15 -6.72 -24.93
C THR D 92 -28.84 -6.17 -23.51
N GLY D 93 -27.90 -5.22 -23.39
CA GLY D 93 -27.55 -4.66 -22.06
C GLY D 93 -26.30 -5.28 -21.40
N GLY D 94 -25.51 -6.03 -22.19
CA GLY D 94 -24.15 -6.44 -21.82
C GLY D 94 -23.16 -5.35 -22.19
N SER D 95 -22.24 -5.02 -21.29
CA SER D 95 -21.20 -4.04 -21.60
C SER D 95 -19.90 -4.48 -20.91
N ILE D 96 -18.78 -4.30 -21.62
CA ILE D 96 -17.44 -4.52 -21.07
C ILE D 96 -16.86 -3.18 -20.62
N GLU D 97 -16.53 -3.08 -19.34
CA GLU D 97 -15.84 -1.90 -18.82
C GLU D 97 -14.39 -2.32 -18.64
N PHE D 98 -13.48 -1.56 -19.23
CA PHE D 98 -12.04 -1.85 -19.17
C PHE D 98 -11.50 -0.85 -18.15
N LEU D 99 -10.86 -1.38 -17.11
CA LEU D 99 -10.21 -0.56 -16.06
C LEU D 99 -8.72 -0.97 -15.92
N VAL D 100 -7.94 -0.02 -15.42
CA VAL D 100 -6.52 -0.18 -15.24
C VAL D 100 -6.24 0.26 -13.82
N ASN D 101 -5.38 -0.49 -13.13
CA ASN D 101 -5.10 -0.15 -11.75
C ASN D 101 -4.08 1.01 -11.68
N GLU D 102 -4.48 2.08 -11.01
CA GLU D 102 -3.63 3.25 -10.85
C GLU D 102 -3.52 3.50 -9.34
N ASN D 103 -2.32 3.26 -8.78
CA ASN D 103 -2.03 3.48 -7.35
CA ASN D 103 -2.01 3.46 -7.34
C ASN D 103 -2.96 2.75 -6.37
N GLY D 104 -3.18 1.46 -6.60
CA GLY D 104 -3.94 0.64 -5.69
C GLY D 104 -5.44 0.82 -5.83
N SER D 105 -5.84 1.52 -6.90
CA SER D 105 -7.26 1.70 -7.21
CA SER D 105 -7.26 1.71 -7.19
C SER D 105 -7.56 1.55 -8.70
N TRP D 106 -8.69 0.93 -9.00
CA TRP D 106 -9.15 0.73 -10.38
C TRP D 106 -9.59 2.05 -10.97
N ALA D 107 -9.11 2.34 -12.18
CA ALA D 107 -9.47 3.53 -12.93
C ALA D 107 -10.22 3.14 -14.21
N SER D 108 -11.47 3.54 -14.30
CA SER D 108 -12.26 3.19 -15.47
C SER D 108 -11.74 3.93 -16.72
N LYS D 109 -11.54 3.16 -17.79
CA LYS D 109 -11.07 3.72 -19.07
C LYS D 109 -12.12 3.80 -20.19
N THR D 110 -12.74 2.66 -20.51
CA THR D 110 -13.77 2.65 -21.58
C THR D 110 -14.91 1.69 -21.17
N VAL D 111 -16.12 1.96 -21.70
CA VAL D 111 -17.23 1.08 -21.49
C VAL D 111 -17.83 0.85 -22.86
N THR D 112 -18.02 -0.42 -23.20
CA THR D 112 -18.35 -0.79 -24.56
C THR D 112 -19.55 -1.72 -24.53
N ALA D 113 -20.66 -1.28 -25.11
CA ALA D 113 -21.78 -2.20 -25.29
C ALA D 113 -21.41 -3.40 -26.19
N VAL D 114 -21.86 -4.60 -25.83
CA VAL D 114 -21.56 -5.79 -26.67
C VAL D 114 -22.80 -6.19 -27.52
N PRO D 115 -22.65 -6.18 -28.86
CA PRO D 115 -23.77 -6.59 -29.73
C PRO D 115 -24.35 -7.96 -29.35
N ASN D 116 -25.69 -8.02 -29.36
CA ASN D 116 -26.42 -9.25 -29.12
C ASN D 116 -26.47 -10.03 -30.45
N GLN D 117 -25.60 -11.01 -30.59
CA GLN D 117 -25.56 -11.77 -31.85
C GLN D 117 -25.23 -13.24 -31.61
N GLY D 118 -25.47 -13.69 -30.37
CA GLY D 118 -25.37 -15.09 -30.00
C GLY D 118 -24.16 -15.26 -29.09
N TRP D 119 -24.36 -16.03 -28.01
CA TRP D 119 -23.35 -16.19 -26.94
C TRP D 119 -21.97 -16.69 -27.44
N ASP D 120 -22.01 -17.64 -28.37
CA ASP D 120 -20.76 -18.26 -28.87
C ASP D 120 -20.27 -17.65 -30.15
N ASN D 121 -20.98 -16.60 -30.61
CA ASN D 121 -20.69 -15.97 -31.90
C ASN D 121 -19.61 -14.87 -31.78
N PHE D 122 -18.39 -15.26 -31.42
CA PHE D 122 -17.33 -14.24 -31.18
C PHE D 122 -17.08 -13.36 -32.39
N GLN D 123 -17.09 -12.05 -32.17
CA GLN D 123 -16.87 -11.04 -33.22
C GLN D 123 -15.99 -9.88 -32.71
N PRO D 124 -15.18 -9.24 -33.60
CA PRO D 124 -14.32 -8.17 -33.09
C PRO D 124 -15.14 -6.96 -32.68
N LEU D 125 -14.78 -6.37 -31.55
CA LEU D 125 -15.56 -5.28 -30.98
C LEU D 125 -14.54 -4.26 -30.54
N ASN D 126 -14.67 -3.05 -31.09
CA ASN D 126 -13.77 -1.97 -30.76
C ASN D 126 -14.09 -1.47 -29.36
N GLY D 127 -13.11 -1.61 -28.46
CA GLY D 127 -13.25 -1.12 -27.10
C GLY D 127 -12.70 0.28 -26.78
N GLY D 128 -12.52 1.13 -27.80
CA GLY D 128 -11.87 2.46 -27.62
C GLY D 128 -10.35 2.35 -27.49
N SER D 129 -9.75 3.33 -26.85
CA SER D 129 -8.28 3.39 -26.69
CA SER D 129 -8.29 3.35 -26.67
C SER D 129 -7.89 3.71 -25.25
N VAL D 130 -6.74 3.19 -24.83
CA VAL D 130 -6.23 3.47 -23.50
C VAL D 130 -4.73 3.81 -23.62
N TYR D 131 -4.33 4.84 -22.90
CA TYR D 131 -2.90 5.18 -22.85
C TYR D 131 -2.23 4.27 -21.82
N LEU D 132 -1.18 3.56 -22.26
CA LEU D 132 -0.38 2.70 -21.38
C LEU D 132 1.10 3.13 -21.42
N SER D 133 1.62 3.45 -20.25
CA SER D 133 3.05 3.71 -20.06
C SER D 133 3.82 2.39 -20.26
N ALA D 134 5.10 2.47 -20.58
CA ALA D 134 5.94 1.24 -20.62
C ALA D 134 5.90 0.61 -19.22
N GLY D 135 5.80 -0.71 -19.21
CA GLY D 135 5.90 -1.47 -17.95
C GLY D 135 4.77 -2.47 -17.83
N THR D 136 4.40 -2.69 -16.59
CA THR D 136 3.41 -3.69 -16.23
CA THR D 136 3.41 -3.70 -16.24
C THR D 136 2.15 -2.98 -15.77
N HIS D 137 1.01 -3.50 -16.14
CA HIS D 137 -0.29 -2.95 -15.77
C HIS D 137 -1.24 -4.09 -15.44
N GLN D 138 -2.11 -3.81 -14.48
CA GLN D 138 -3.19 -4.71 -14.09
C GLN D 138 -4.42 -4.12 -14.79
N VAL D 139 -5.07 -5.00 -15.53
CA VAL D 139 -6.25 -4.71 -16.35
CA VAL D 139 -6.26 -4.62 -16.28
C VAL D 139 -7.43 -5.49 -15.80
N ARG D 140 -8.59 -4.86 -15.67
CA ARG D 140 -9.81 -5.57 -15.32
C ARG D 140 -10.87 -5.37 -16.37
N LEU D 141 -11.58 -6.45 -16.69
CA LEU D 141 -12.70 -6.38 -17.60
C LEU D 141 -13.93 -6.73 -16.78
N HIS D 142 -14.91 -5.83 -16.75
CA HIS D 142 -16.00 -5.87 -15.77
C HIS D 142 -17.33 -5.84 -16.54
N GLY D 143 -18.29 -6.67 -16.12
CA GLY D 143 -19.64 -6.70 -16.73
C GLY D 143 -20.43 -5.53 -16.23
N ALA D 144 -20.36 -4.43 -16.96
CA ALA D 144 -20.86 -3.13 -16.48
C ALA D 144 -22.31 -2.79 -16.88
N GLY D 145 -22.88 -3.68 -17.70
CA GLY D 145 -24.18 -3.46 -18.33
C GLY D 145 -25.33 -3.63 -17.37
N SER D 146 -26.56 -3.41 -17.89
CA SER D 146 -27.76 -3.54 -17.09
C SER D 146 -28.26 -4.99 -16.90
N ASN D 147 -27.97 -5.85 -17.87
CA ASN D 147 -28.56 -7.18 -17.90
C ASN D 147 -27.88 -8.09 -16.87
N ASN D 148 -28.66 -8.98 -16.24
CA ASN D 148 -28.07 -9.97 -15.36
CA ASN D 148 -28.10 -9.98 -15.35
C ASN D 148 -26.97 -10.75 -16.06
N TRP D 149 -27.13 -10.96 -17.38
CA TRP D 149 -26.15 -11.71 -18.15
C TRP D 149 -25.39 -10.68 -18.99
N GLN D 150 -24.08 -10.85 -19.13
CA GLN D 150 -23.30 -9.79 -19.79
C GLN D 150 -22.76 -10.17 -21.18
N TRP D 151 -21.71 -11.00 -21.22
CA TRP D 151 -21.03 -11.24 -22.51
C TRP D 151 -20.11 -12.43 -22.27
N ASN D 152 -19.71 -13.08 -23.37
CA ASN D 152 -18.64 -14.09 -23.35
C ASN D 152 -17.44 -13.52 -24.13
N LEU D 153 -16.23 -14.00 -23.84
CA LEU D 153 -15.03 -13.35 -24.36
C LEU D 153 -13.97 -14.38 -24.63
N ASP D 154 -13.50 -14.36 -25.87
CA ASP D 154 -12.50 -15.31 -26.37
C ASP D 154 -11.10 -14.76 -25.98
N LYS D 155 -10.84 -13.53 -26.39
CA LYS D 155 -9.55 -12.89 -26.12
C LYS D 155 -9.71 -11.41 -26.35
N PHE D 156 -8.66 -10.67 -26.01
CA PHE D 156 -8.61 -9.28 -26.41
C PHE D 156 -7.19 -8.88 -26.84
N THR D 157 -7.13 -7.79 -27.59
CA THR D 157 -5.88 -7.31 -28.17
C THR D 157 -5.72 -5.82 -27.96
N LEU D 158 -4.49 -5.41 -27.67
CA LEU D 158 -4.17 -4.02 -27.48
C LEU D 158 -3.18 -3.71 -28.57
N SER D 159 -3.49 -2.69 -29.38
CA SER D 159 -2.73 -2.38 -30.61
C SER D 159 -2.22 -0.96 -30.68
N ASN D 160 -0.89 -0.91 -30.81
CA ASN D 160 -0.01 0.26 -30.89
C ASN D 160 -0.35 1.48 -30.04
C1 GAL E . 52.60 -22.89 4.19
C2 GAL E . 51.29 -22.11 4.01
C3 GAL E . 51.55 -20.71 3.41
C4 GAL E . 52.93 -20.61 2.73
C5 GAL E . 54.09 -21.14 3.61
C6 GAL E . 54.97 -20.05 4.24
O1 GAL E . 52.48 -24.00 5.11
O2 GAL E . 50.34 -22.87 3.23
O3 GAL E . 50.50 -20.28 2.52
O4 GAL E . 53.13 -19.26 2.31
O5 GAL E . 53.59 -21.97 4.67
O6 GAL E . 56.05 -20.65 4.98
C1 AAL E . 49.91 -19.03 2.91
C2 AAL E . 49.29 -18.29 1.72
C3 AAL E . 48.36 -17.17 2.19
C4 AAL E . 47.30 -17.79 3.08
C5 AAL E . 48.13 -18.10 4.32
C6 AAL E . 48.98 -16.85 4.46
O2 AAL E . 48.58 -19.22 0.89
O3 AAL E . 49.09 -16.34 3.11
O4 AAL E . 46.32 -16.80 3.39
O5 AAL E . 48.91 -19.24 3.97
C1 GAL E . 45.11 -17.43 3.80
C2 GAL E . 44.25 -16.34 4.46
C3 GAL E . 42.86 -16.86 4.72
C4 GAL E . 42.24 -17.62 3.53
C5 GAL E . 43.20 -18.66 2.93
C6 GAL E . 42.57 -19.35 1.71
O2 GAL E . 44.80 -15.76 5.66
O3 GAL E . 42.13 -15.69 5.08
O4 GAL E . 41.90 -16.66 2.52
O5 GAL E . 44.43 -17.97 2.66
O6 GAL E . 43.34 -20.53 1.40
C1 AAL E . 41.18 -16.02 6.09
C2 AAL E . 40.49 -14.75 6.66
C3 AAL E . 39.25 -15.11 7.43
C4 AAL E . 38.25 -15.84 6.51
C5 AAL E . 39.03 -17.15 6.41
C6 AAL E . 39.45 -17.38 7.87
O2 AAL E . 40.10 -13.91 5.59
O3 AAL E . 39.57 -16.06 8.49
O4 AAL E . 37.10 -16.20 7.23
O5 AAL E . 40.19 -16.95 5.62
C1 GAL E . 35.97 -15.30 7.03
C2 GAL E . 34.74 -15.97 7.64
C3 GAL E . 33.55 -15.00 7.69
C4 GAL E . 33.97 -13.66 8.37
C5 GAL E . 35.18 -13.10 7.63
C6 GAL E . 35.68 -11.81 8.28
O2 GAL E . 34.40 -17.19 6.95
O3 GAL E . 32.56 -15.70 8.42
O4 GAL E . 34.30 -13.86 9.73
O5 GAL E . 36.26 -14.04 7.69
O6 GAL E . 36.69 -11.29 7.40
C1 AAL E . 31.28 -15.04 8.56
C2 AAL E . 30.12 -16.09 8.61
C3 AAL E . 28.84 -15.51 9.24
C4 AAL E . 29.17 -14.97 10.62
C5 AAL E . 30.02 -13.79 10.21
C6 AAL E . 29.18 -13.18 9.08
O2 AAL E . 30.51 -17.23 9.39
O3 AAL E . 28.54 -14.32 8.49
O4 AAL E . 27.98 -14.60 11.28
O5 AAL E . 31.31 -14.28 9.76
C1 GAL F . -21.32 5.00 -21.50
C2 GAL F . -21.23 4.62 -20.02
C3 GAL F . -20.35 5.58 -19.20
C4 GAL F . -20.08 6.96 -19.89
C5 GAL F . -19.92 6.89 -21.44
C6 GAL F . -18.63 7.51 -22.00
O1 GAL F . -21.62 3.85 -22.29
O2 GAL F . -22.57 4.51 -19.49
O3 GAL F . -20.85 5.72 -17.85
O4 GAL F . -18.95 7.60 -19.26
O5 GAL F . -20.05 5.54 -21.92
O6 GAL F . -18.75 7.89 -23.40
C1 AAL F . -19.80 5.68 -16.84
C2 AAL F . -20.21 6.18 -15.42
C3 AAL F . -19.20 5.75 -14.33
C4 AAL F . -19.05 4.24 -14.38
C5 AAL F . -18.30 4.14 -15.71
C6 AAL F . -17.32 5.31 -15.64
O2 AAL F . -21.47 5.69 -15.01
O3 AAL F . -17.88 6.20 -14.66
O4 AAL F . -18.22 3.88 -13.26
O5 AAL F . -19.23 4.34 -16.78
C1 GAL F . -18.41 2.51 -12.94
C2 GAL F . -17.18 2.09 -12.11
C3 GAL F . -17.40 0.70 -11.50
C4 GAL F . -18.79 0.54 -10.83
C5 GAL F . -19.89 0.97 -11.81
C6 GAL F . -21.28 0.73 -11.23
O2 GAL F . -15.94 2.25 -12.82
O3 GAL F . -16.36 0.58 -10.52
O4 GAL F . -18.84 1.33 -9.62
O5 GAL F . -19.63 2.35 -12.18
O6 GAL F . -22.26 0.97 -12.26
C1 AAL F . -15.74 -0.70 -10.51
C2 AAL F . -14.49 -0.81 -9.58
C3 AAL F . -14.21 -2.32 -9.35
C4 AAL F . -15.46 -2.93 -8.71
C5 AAL F . -16.34 -3.04 -9.96
C6 AAL F . -15.33 -3.53 -11.02
O2 AAL F . -14.83 -0.14 -8.34
O3 AAL F . -14.06 -2.94 -10.66
O4 AAL F . -15.19 -4.26 -8.31
O5 AAL F . -16.75 -1.69 -10.19
C1 GAL F . -14.75 -4.48 -7.00
C2 GAL F . -14.95 -5.99 -6.80
C3 GAL F . -14.28 -6.48 -5.52
C4 GAL F . -12.83 -5.92 -5.35
C5 GAL F . -12.86 -4.39 -5.56
C6 GAL F . -11.49 -3.71 -5.42
O2 GAL F . -16.38 -6.32 -6.83
O3 GAL F . -14.33 -7.87 -5.62
O4 GAL F . -11.97 -6.58 -6.32
O5 GAL F . -13.39 -4.07 -6.88
O6 GAL F . -11.65 -2.28 -5.49
C1 AAL F . -13.88 -8.62 -4.50
C2 AAL F . -14.67 -9.92 -4.38
C3 AAL F . -13.91 -10.91 -3.48
C4 AAL F . -12.61 -11.21 -4.21
C5 AAL F . -11.87 -9.93 -3.94
C6 AAL F . -12.17 -9.69 -2.45
O2 AAL F . -14.87 -10.49 -5.70
O3 AAL F . -13.49 -10.28 -2.23
O4 AAL F . -11.94 -12.33 -3.66
O5 AAL F . -12.47 -8.91 -4.75
C1 GAL G . 16.53 52.95 28.80
C2 GAL G . 16.89 51.98 27.68
C3 GAL G . 15.80 50.94 27.31
C4 GAL G . 14.66 50.80 28.33
C5 GAL G . 14.51 51.87 29.43
C6 GAL G . 13.78 51.31 30.66
O1 GAL G . 17.81 53.27 29.32
O2 GAL G . 17.38 52.76 26.56
O3 GAL G . 15.42 51.06 25.95
O4 GAL G . 15.07 49.57 28.91
O5 GAL G . 15.81 52.30 29.85
O6 GAL G . 13.84 52.17 31.82
C1 AAL G . 14.30 50.37 25.37
C2 AAL G . 14.57 50.35 23.85
C3 AAL G . 13.49 49.53 23.15
C4 AAL G . 13.57 48.10 23.64
C5 AAL G . 13.09 48.30 25.08
C6 AAL G . 11.85 49.17 24.85
O2 AAL G . 15.86 49.72 23.68
O3 AAL G . 12.18 49.91 23.64
O4 AAL G . 12.61 47.40 22.86
O5 AAL G . 14.09 49.03 25.86
C1 GAL G . 12.62 45.97 22.97
C2 GAL G . 11.46 45.37 22.20
C3 GAL G . 11.53 43.85 22.24
C4 GAL G . 12.91 43.29 21.86
C5 GAL G . 14.02 44.05 22.60
C6 GAL G . 15.42 43.63 22.14
O2 GAL G . 10.17 45.76 22.73
O3 GAL G . 10.55 43.35 21.34
O4 GAL G . 13.05 43.42 20.44
O5 GAL G . 13.83 45.47 22.44
O6 GAL G . 16.35 44.31 22.99
C1 AAL G . 9.85 42.16 21.78
C2 AAL G . 8.59 41.87 20.96
C3 AAL G . 8.06 40.44 21.18
C4 AAL G . 9.17 39.43 20.91
C5 AAL G . 10.04 39.76 22.11
C6 AAL G . 9.02 39.95 23.26
O2 AAL G . 8.97 42.13 19.60
O3 AAL G . 7.78 40.25 22.58
O4 AAL G . 8.72 38.10 21.11
O5 AAL G . 10.72 41.01 21.88
C1 GAL G . 8.38 37.47 19.89
C2 GAL G . 8.37 36.01 20.22
C3 GAL G . 7.75 35.17 19.10
C4 GAL G . 6.36 35.76 18.70
C5 GAL G . 6.48 37.24 18.41
C6 GAL G . 5.14 37.93 18.09
O2 GAL G . 9.71 35.54 20.51
O3 GAL G . 7.53 33.92 19.78
O4 GAL G . 5.42 35.58 19.78
O5 GAL G . 7.07 37.93 19.50
O6 GAL G . 5.49 39.22 17.60
C1 AAL G . 7.01 32.89 18.94
C2 AAL G . 7.73 31.54 19.17
C3 AAL G . 6.86 30.37 18.69
C4 AAL G . 5.51 30.43 19.41
C5 AAL G . 4.91 31.62 18.69
C6 AAL G . 5.31 31.37 17.23
O2 AAL G . 8.03 31.43 20.58
O3 AAL G . 6.56 30.64 17.28
O4 AAL G . 4.67 29.31 19.17
O5 AAL G . 5.60 32.74 19.24
C1 GAL H . -49.35 -22.09 -16.38
C2 GAL H . -48.26 -21.01 -16.15
C3 GAL H . -46.98 -21.75 -15.66
C4 GAL H . -46.65 -23.13 -16.25
C5 GAL H . -47.70 -23.81 -17.15
C6 GAL H . -47.99 -25.22 -16.62
O1 GAL H . -49.64 -22.74 -15.14
O2 GAL H . -48.14 -20.11 -17.28
O3 GAL H . -45.75 -21.05 -15.42
O4 GAL H . -46.42 -23.95 -15.11
O5 GAL H . -48.94 -23.09 -17.35
O6 GAL H . -48.33 -26.11 -17.69
C1 AAL H . -45.25 -20.03 -16.26
C2 AAL H . -44.72 -18.85 -15.37
C3 AAL H . -43.68 -18.06 -16.11
C4 AAL H . -42.57 -19.03 -16.50
C5 AAL H . -43.25 -19.72 -17.66
C6 AAL H . -43.96 -18.60 -18.40
O2 AAL H . -44.06 -19.28 -14.17
O3 AAL H . -44.19 -17.61 -17.37
O4 AAL H . -41.47 -18.24 -16.95
O5 AAL H . -44.20 -20.61 -17.07
C1 GAL H . -40.19 -18.91 -16.88
C2 GAL H . -39.24 -18.07 -17.71
C3 GAL H . -37.84 -18.64 -17.60
C4 GAL H . -37.39 -18.84 -16.13
C5 GAL H . -38.46 -19.59 -15.35
C6 GAL H . -38.11 -19.64 -13.86
O2 GAL H . -39.67 -18.14 -19.06
O3 GAL H . -36.97 -17.76 -18.25
O4 GAL H . -37.27 -17.57 -15.49
O5 GAL H . -39.69 -18.90 -15.55
O6 GAL H . -39.06 -20.49 -13.21
C1 AAL H . -35.88 -18.37 -18.94
C2 AAL H . -35.07 -17.29 -19.73
C3 AAL H . -33.76 -17.93 -20.16
C4 AAL H . -33.02 -18.36 -18.89
C5 AAL H . -33.81 -19.59 -18.45
C6 AAL H . -34.01 -20.31 -19.80
O2 AAL H . -34.85 -16.12 -18.91
O3 AAL H . -34.03 -19.20 -20.80
O4 AAL H . -31.76 -18.85 -19.24
O5 AAL H . -35.07 -19.13 -17.96
C1 GAL H . -30.65 -17.93 -19.25
C2 GAL H . -29.41 -18.77 -19.34
C3 GAL H . -28.16 -17.91 -19.60
C4 GAL H . -28.35 -16.97 -20.78
C5 GAL H . -29.65 -16.17 -20.57
C6 GAL H . -29.96 -15.15 -21.67
O2 GAL H . -29.27 -19.49 -18.12
O3 GAL H . -27.16 -18.88 -19.79
O4 GAL H . -28.42 -17.72 -22.02
O5 GAL H . -30.74 -17.08 -20.41
O6 GAL H . -31.07 -14.33 -21.22
C1 AAL H . -25.83 -18.41 -20.01
C2 AAL H . -24.80 -19.46 -19.50
C3 AAL H . -23.47 -19.16 -20.18
C4 AAL H . -23.66 -19.28 -21.68
C5 AAL H . -24.39 -17.97 -21.92
C6 AAL H . -23.55 -16.97 -21.08
O2 AAL H . -25.33 -20.81 -19.76
O3 AAL H . -23.16 -17.75 -19.95
O4 AAL H . -22.41 -19.36 -22.38
O5 AAL H . -25.72 -18.11 -21.38
CA CA I . 15.33 -10.73 13.82
CA CA J . 26.48 -14.51 1.04
C1 EDO K . 23.00 7.37 5.27
O1 EDO K . 22.49 6.85 6.52
C2 EDO K . 24.47 7.80 5.13
O2 EDO K . 25.40 7.72 6.29
CL CL L . 22.76 8.22 2.39
CL CL M . 8.55 -9.07 9.85
CL CL N . 13.20 9.49 0.02
CA CA O . -7.46 -21.79 4.69
CA CA P . -18.47 -8.20 3.19
C1 EDO Q . -1.88 -1.28 2.68
O1 EDO Q . -2.67 -1.28 1.47
C2 EDO Q . -1.68 0.15 3.18
O2 EDO Q . -2.94 0.75 3.49
CL CL R . -4.41 -3.32 1.84
CL CL S . 6.20 -15.85 26.89
CL CL T . -0.46 -8.19 24.68
CA CA U . -0.78 18.12 13.97
CA CA V . 11.55 30.23 11.60
C1 EDO W . 2.87 14.33 3.78
O1 EDO W . 4.17 14.67 3.30
C2 EDO W . 2.60 12.80 3.79
O2 EDO W . 2.38 12.36 2.46
CL CL X . 2.83 43.11 9.58
CL CL Y . -0.15 13.14 7.44
CA CA Z . -9.52 -17.67 -26.01
CA CA AA . -20.97 -15.35 -13.30
CL CL BA . -2.67 -14.87 -22.91
C1 EDO CA . 1.35 9.45 -27.86
O1 EDO CA . 2.05 8.37 -28.50
C2 EDO CA . -0.05 9.53 -28.46
O2 EDO CA . -0.84 10.65 -27.96
C1 EDO DA . -21.60 -11.66 -31.13
O1 EDO DA . -22.64 -12.13 -30.23
C2 EDO DA . -21.57 -10.11 -31.16
O2 EDO DA . -21.25 -9.51 -29.88
C1 EDO EA . 5.06 8.09 -25.68
O1 EDO EA . 3.64 8.19 -25.95
C2 EDO EA . 5.70 7.14 -26.71
O2 EDO EA . 7.15 7.13 -26.67
#